data_4DBK
#
_entry.id   4DBK
#
_cell.length_a   68.600
_cell.length_b   68.600
_cell.length_c   70.080
_cell.angle_alpha   90.00
_cell.angle_beta   90.00
_cell.angle_gamma   120.00
#
_symmetry.space_group_name_H-M   'P 31 2 1'
#
loop_
_entity.id
_entity.type
_entity.pdbx_description
1 polymer 'Phospholipase A2, major isoenzyme'
2 non-polymer 'CALCIUM ION'
3 non-polymer BERBERINE
4 water water
#
_entity_poly.entity_id   1
_entity_poly.type   'polypeptide(L)'
_entity_poly.pdbx_seq_one_letter_code
;ALWQFRSMIKCAIPGSHPLMDFNNYGCYCGLGGSGTPVDELDRCCETHDNCYRDAKNLDSCKFLVDNPYTESYSYSCSNT
EITCNSKNNACEAFICNCDRNAAICFSKAPYNKEHKNLDTKKYC
;
_entity_poly.pdbx_strand_id   A
#
# COMPACT_ATOMS: atom_id res chain seq x y z
N ALA A 1 -3.74 -3.94 -8.50
CA ALA A 1 -4.87 -4.62 -7.82
C ALA A 1 -4.32 -5.17 -6.51
N LEU A 2 -5.19 -5.45 -5.56
CA LEU A 2 -4.81 -5.87 -4.21
C LEU A 2 -3.82 -7.06 -4.19
N TRP A 3 -4.13 -8.15 -4.87
CA TRP A 3 -3.18 -9.25 -4.89
C TRP A 3 -1.82 -8.81 -5.35
N GLN A 4 -1.71 -7.86 -6.29
CA GLN A 4 -0.37 -7.53 -6.80
C GLN A 4 0.43 -6.71 -5.79
N PHE A 5 -0.29 -5.96 -4.94
CA PHE A 5 0.33 -5.17 -3.94
C PHE A 5 0.94 -6.11 -2.90
N ARG A 6 0.17 -7.12 -2.49
CA ARG A 6 0.76 -8.12 -1.60
C ARG A 6 2.02 -8.71 -2.20
N SER A 7 2.02 -8.98 -3.50
CA SER A 7 3.19 -9.61 -4.05
C SER A 7 4.33 -8.58 -4.28
N MET A 8 3.98 -7.29 -4.41
CA MET A 8 5.00 -6.23 -4.47
C MET A 8 5.79 -6.14 -3.18
N ILE A 9 5.11 -6.41 -2.07
CA ILE A 9 5.66 -6.37 -0.72
C ILE A 9 6.62 -7.51 -0.51
N LYS A 10 6.20 -8.71 -0.90
CA LYS A 10 7.06 -9.89 -0.95
C LYS A 10 8.28 -9.67 -1.83
N CYS A 11 8.10 -9.02 -2.97
CA CYS A 11 9.24 -8.61 -3.77
C CYS A 11 10.24 -7.79 -2.91
N ALA A 12 9.73 -6.78 -2.20
CA ALA A 12 10.57 -5.82 -1.53
C ALA A 12 11.06 -6.34 -0.23
N ILE A 13 10.33 -7.26 0.40
CA ILE A 13 10.73 -7.84 1.71
C ILE A 13 10.54 -9.34 1.64
N PRO A 14 11.53 -10.05 1.07
CA PRO A 14 11.42 -11.47 0.82
C PRO A 14 10.98 -12.36 1.98
N GLY A 15 11.33 -12.01 3.21
CA GLY A 15 10.84 -12.81 4.34
C GLY A 15 9.50 -12.40 4.97
N SER A 16 8.67 -11.63 4.22
CA SER A 16 7.38 -11.11 4.77
C SER A 16 6.16 -11.97 4.44
N HIS A 17 5.18 -11.98 5.34
CA HIS A 17 3.86 -12.42 4.96
C HIS A 17 3.00 -11.17 5.02
N PRO A 18 2.77 -10.50 3.87
CA PRO A 18 2.12 -9.17 3.86
C PRO A 18 0.84 -9.09 4.72
N LEU A 19 -0.10 -10.02 4.48
CA LEU A 19 -1.39 -9.93 5.15
C LEU A 19 -1.23 -10.08 6.66
N MET A 20 -0.41 -11.04 7.09
CA MET A 20 -0.09 -11.19 8.49
C MET A 20 0.73 -9.97 9.06
N ASP A 21 1.65 -9.42 8.26
CA ASP A 21 2.57 -8.41 8.79
C ASP A 21 2.00 -6.99 8.79
N PHE A 22 1.39 -6.62 7.67
CA PHE A 22 1.02 -5.22 7.41
C PHE A 22 -0.46 -4.91 7.43
N ASN A 23 -1.32 -5.89 7.66
CA ASN A 23 -2.75 -5.66 7.73
C ASN A 23 -3.08 -5.47 9.20
N ASN A 24 -3.94 -4.50 9.44
CA ASN A 24 -4.27 -4.16 10.81
C ASN A 24 -2.97 -3.89 11.63
N TYR A 25 -2.13 -3.03 11.05
CA TYR A 25 -0.99 -2.50 11.74
C TYR A 25 -1.25 -1.01 11.96
N GLY A 26 -0.97 -0.55 13.17
CA GLY A 26 -1.07 0.84 13.54
C GLY A 26 -2.45 1.41 13.31
N CYS A 27 -2.47 2.66 12.89
CA CYS A 27 -3.69 3.38 12.69
C CYS A 27 -4.10 3.40 11.20
N TYR A 28 -3.21 3.11 10.26
CA TYR A 28 -3.54 3.22 8.81
C TYR A 28 -3.42 1.98 7.97
N CYS A 29 -2.63 1.00 8.44
CA CYS A 29 -2.45 -0.26 7.73
C CYS A 29 -3.65 -1.18 8.01
N GLY A 30 -4.53 -1.34 7.04
CA GLY A 30 -5.90 -1.80 7.35
C GLY A 30 -6.94 -0.93 6.66
N LEU A 31 -8.21 -1.35 6.75
CA LEU A 31 -9.33 -0.61 6.16
C LEU A 31 -9.46 0.75 6.81
N GLY A 32 -9.65 1.78 5.99
CA GLY A 32 -9.75 3.18 6.41
C GLY A 32 -8.54 3.59 7.23
N GLY A 33 -8.78 4.49 8.16
CA GLY A 33 -7.75 5.00 9.03
C GLY A 33 -8.35 6.13 9.80
N SER A 34 -7.68 6.50 10.89
CA SER A 34 -8.05 7.67 11.71
C SER A 34 -6.83 8.25 12.46
N GLY A 35 -6.90 9.52 12.83
CA GLY A 35 -5.90 10.14 13.70
C GLY A 35 -4.57 10.24 13.00
N THR A 36 -3.49 10.07 13.76
CA THR A 36 -2.16 10.35 13.25
C THR A 36 -1.42 9.04 13.27
N PRO A 37 -0.66 8.73 12.20
CA PRO A 37 0.08 7.47 12.19
C PRO A 37 1.00 7.38 13.40
N VAL A 38 1.28 6.15 13.90
CA VAL A 38 2.09 5.96 15.14
C VAL A 38 3.60 5.78 14.94
N ASP A 39 4.03 5.39 13.73
CA ASP A 39 5.44 5.30 13.36
C ASP A 39 5.58 5.50 11.82
N GLU A 40 6.79 5.32 11.30
CA GLU A 40 7.06 5.49 9.88
C GLU A 40 6.29 4.46 9.02
N LEU A 41 6.26 3.20 9.48
CA LEU A 41 5.51 2.12 8.77
C LEU A 41 4.03 2.50 8.66
N ASP A 42 3.40 2.66 9.81
CA ASP A 42 2.07 3.23 9.82
C ASP A 42 1.97 4.46 8.89
N ARG A 43 2.97 5.34 8.90
CA ARG A 43 2.88 6.48 8.00
C ARG A 43 3.01 6.11 6.52
N CYS A 44 3.67 5.02 6.20
CA CYS A 44 3.68 4.56 4.80
C CYS A 44 2.26 4.19 4.37
N CYS A 45 1.53 3.56 5.30
CA CYS A 45 0.15 3.17 5.11
C CYS A 45 -0.82 4.31 4.87
N GLU A 46 -0.76 5.40 5.68
CA GLU A 46 -1.56 6.63 5.44
C GLU A 46 -1.28 7.27 4.08
N THR A 47 -0.01 7.46 3.74
CA THR A 47 0.40 7.96 2.42
C THR A 47 -0.23 7.09 1.31
N HIS A 48 -0.21 5.76 1.48
CA HIS A 48 -0.90 4.81 0.54
C HIS A 48 -2.41 5.01 0.47
N ASP A 49 -3.08 5.07 1.64
CA ASP A 49 -4.46 5.53 1.68
C ASP A 49 -4.62 6.85 0.92
N ASN A 50 -3.78 7.83 1.24
CA ASN A 50 -3.92 9.13 0.59
C ASN A 50 -3.68 8.93 -0.90
N CYS A 51 -2.65 8.17 -1.27
CA CYS A 51 -2.34 7.93 -2.69
C CYS A 51 -3.58 7.32 -3.37
N TYR A 52 -4.26 6.40 -2.72
CA TYR A 52 -5.51 5.83 -3.30
C TYR A 52 -6.67 6.86 -3.45
N ARG A 53 -6.71 7.85 -2.55
CA ARG A 53 -7.79 8.85 -2.51
C ARG A 53 -7.60 9.83 -3.66
N ASP A 54 -6.35 10.16 -3.97
CA ASP A 54 -6.01 10.97 -5.14
C ASP A 54 -6.31 10.34 -6.51
N ALA A 55 -6.04 9.04 -6.68
CA ALA A 55 -6.39 8.28 -7.86
C ALA A 55 -7.91 8.30 -8.13
N LYS A 56 -8.72 8.17 -7.07
CA LYS A 56 -10.16 8.26 -7.20
C LYS A 56 -10.60 9.67 -7.53
N ASN A 57 -9.84 10.67 -7.09
CA ASN A 57 -10.16 12.06 -7.43
C ASN A 57 -9.61 12.50 -8.82
N LEU A 58 -9.19 11.53 -9.64
CA LEU A 58 -8.76 11.73 -11.04
C LEU A 58 -9.97 11.57 -11.95
N ASP A 59 -10.43 12.66 -12.56
CA ASP A 59 -11.68 12.59 -13.32
C ASP A 59 -11.60 11.54 -14.42
N SER A 60 -10.39 11.26 -14.89
CA SER A 60 -10.14 10.38 -16.04
C SER A 60 -10.28 8.89 -15.70
N CYS A 61 -10.31 8.56 -14.41
CA CYS A 61 -10.25 7.17 -13.97
C CYS A 61 -11.54 6.78 -13.22
N LYS A 62 -12.28 5.85 -13.80
CA LYS A 62 -13.47 5.35 -13.13
C LYS A 62 -13.29 3.87 -12.71
N PHE A 63 -12.66 3.67 -11.55
CA PHE A 63 -12.35 2.32 -11.09
C PHE A 63 -13.57 1.46 -10.78
N LEU A 64 -13.56 0.20 -11.19
CA LEU A 64 -14.66 -0.71 -10.84
C LEU A 64 -15.04 -0.64 -9.36
N VAL A 65 -16.35 -0.59 -9.12
CA VAL A 65 -16.93 -0.39 -7.77
C VAL A 65 -16.17 0.69 -6.97
N ASP A 66 -15.71 1.71 -7.70
CA ASP A 66 -14.92 2.80 -7.13
C ASP A 66 -13.75 2.39 -6.26
N ASN A 67 -13.16 1.22 -6.47
CA ASN A 67 -12.04 0.82 -5.64
C ASN A 67 -10.80 0.67 -6.50
N PRO A 68 -9.73 1.46 -6.26
CA PRO A 68 -8.51 1.24 -7.05
C PRO A 68 -7.88 -0.11 -6.88
N TYR A 69 -8.24 -0.84 -5.80
CA TYR A 69 -7.69 -2.20 -5.61
C TYR A 69 -8.13 -3.20 -6.65
N THR A 70 -9.16 -2.85 -7.41
CA THR A 70 -9.68 -3.81 -8.41
C THR A 70 -8.85 -3.67 -9.65
N GLU A 71 -8.07 -2.62 -9.74
CA GLU A 71 -7.40 -2.34 -11.03
C GLU A 71 -6.02 -3.00 -11.11
N SER A 72 -5.88 -3.92 -12.05
CA SER A 72 -4.67 -4.66 -12.27
C SER A 72 -3.77 -3.89 -13.24
N TYR A 73 -2.46 -3.91 -12.98
CA TYR A 73 -1.47 -3.23 -13.85
C TYR A 73 -0.40 -4.30 -14.16
N SER A 74 0.66 -3.90 -14.85
CA SER A 74 1.70 -4.85 -15.05
C SER A 74 2.94 -4.37 -14.28
N TYR A 75 3.60 -5.28 -13.58
CA TYR A 75 4.86 -4.91 -12.99
C TYR A 75 5.76 -6.13 -12.94
N SER A 76 7.04 -5.93 -12.65
CA SER A 76 7.90 -7.04 -12.39
C SER A 76 8.77 -6.85 -11.13
N CYS A 77 9.27 -7.98 -10.62
CA CYS A 77 10.21 -8.07 -9.52
C CYS A 77 11.51 -8.69 -9.96
N SER A 78 12.61 -7.97 -9.74
CA SER A 78 13.93 -8.57 -9.87
C SER A 78 14.82 -8.13 -8.73
N ASN A 79 15.27 -9.11 -7.94
CA ASN A 79 16.33 -8.89 -6.97
C ASN A 79 15.96 -7.72 -6.10
N THR A 80 14.77 -7.79 -5.52
CA THR A 80 14.31 -6.76 -4.61
C THR A 80 13.68 -5.53 -5.26
N GLU A 81 13.94 -5.30 -6.55
CA GLU A 81 13.47 -4.13 -7.30
C GLU A 81 12.07 -4.29 -7.92
N ILE A 82 11.16 -3.39 -7.61
CA ILE A 82 9.88 -3.32 -8.33
C ILE A 82 9.97 -2.37 -9.55
N THR A 83 9.47 -2.80 -10.70
CA THR A 83 9.36 -1.95 -11.89
C THR A 83 7.91 -1.96 -12.35
N CYS A 84 7.32 -0.77 -12.42
CA CYS A 84 5.95 -0.57 -12.88
C CYS A 84 6.14 -0.44 -14.39
N ASN A 85 5.38 -1.21 -15.15
CA ASN A 85 5.55 -1.29 -16.60
C ASN A 85 5.09 0.03 -17.22
N SER A 86 5.89 0.57 -18.12
CA SER A 86 5.67 1.85 -18.78
C SER A 86 4.41 1.82 -19.65
N LYS A 87 4.03 0.63 -20.11
CA LYS A 87 2.82 0.41 -20.92
C LYS A 87 1.49 0.38 -20.13
N ASN A 88 1.57 0.43 -18.81
CA ASN A 88 0.41 0.68 -17.93
C ASN A 88 -0.26 1.98 -18.37
N ASN A 89 -1.59 2.02 -18.46
CA ASN A 89 -2.28 3.29 -18.71
C ASN A 89 -2.14 4.23 -17.52
N ALA A 90 -2.36 5.51 -17.77
CA ALA A 90 -2.24 6.54 -16.75
C ALA A 90 -2.90 6.15 -15.43
N CYS A 91 -4.06 5.48 -15.43
CA CYS A 91 -4.68 5.15 -14.14
C CYS A 91 -4.01 3.97 -13.50
N GLU A 92 -3.68 2.95 -14.28
CA GLU A 92 -2.92 1.80 -13.78
C GLU A 92 -1.55 2.22 -13.36
N ALA A 93 -0.96 3.20 -14.03
CA ALA A 93 0.37 3.62 -13.59
C ALA A 93 0.32 4.36 -12.23
N PHE A 94 -0.69 5.22 -12.04
CA PHE A 94 -0.90 5.89 -10.76
C PHE A 94 -0.97 4.85 -9.63
N ILE A 95 -1.85 3.87 -9.77
CA ILE A 95 -2.02 2.80 -8.77
C ILE A 95 -0.73 2.00 -8.61
N CYS A 96 -0.14 1.58 -9.73
CA CYS A 96 1.16 0.90 -9.61
C CYS A 96 2.17 1.68 -8.75
N ASN A 97 2.29 2.97 -9.00
CA ASN A 97 3.16 3.82 -8.20
C ASN A 97 2.72 4.00 -6.75
N CYS A 98 1.42 4.05 -6.48
CA CYS A 98 1.02 4.02 -5.05
C CYS A 98 1.56 2.76 -4.36
N ASP A 99 1.38 1.59 -5.02
CA ASP A 99 1.69 0.31 -4.45
C ASP A 99 3.21 0.17 -4.33
N ARG A 100 3.95 0.52 -5.36
CA ARG A 100 5.41 0.43 -5.33
C ARG A 100 6.09 1.31 -4.27
N ASN A 101 5.70 2.58 -4.20
CA ASN A 101 6.17 3.49 -3.16
C ASN A 101 5.88 2.96 -1.79
N ALA A 102 4.74 2.29 -1.65
CA ALA A 102 4.32 1.77 -0.36
C ALA A 102 5.18 0.58 -0.06
N ALA A 103 5.33 -0.38 -0.99
CA ALA A 103 6.22 -1.54 -0.76
C ALA A 103 7.67 -1.15 -0.46
N ILE A 104 8.19 -0.14 -1.15
CA ILE A 104 9.54 0.39 -0.88
C ILE A 104 9.61 1.06 0.52
N CYS A 105 8.61 1.88 0.87
CA CYS A 105 8.45 2.47 2.23
C CYS A 105 8.42 1.39 3.34
N PHE A 106 7.55 0.40 3.21
CA PHE A 106 7.46 -0.69 4.17
C PHE A 106 8.81 -1.33 4.40
N SER A 107 9.63 -1.42 3.34
CA SER A 107 10.87 -2.15 3.44
C SER A 107 11.94 -1.42 4.25
N LYS A 108 11.70 -0.15 4.53
CA LYS A 108 12.66 0.73 5.17
C LYS A 108 12.19 1.18 6.57
N ALA A 109 10.89 1.19 6.81
CA ALA A 109 10.35 1.50 8.13
C ALA A 109 10.65 0.39 9.15
N PRO A 110 11.09 0.77 10.37
CA PRO A 110 11.15 -0.10 11.54
C PRO A 110 9.83 -0.88 11.73
N TYR A 111 9.88 -2.18 11.99
CA TYR A 111 8.64 -2.89 12.27
C TYR A 111 8.50 -3.02 13.75
N ASN A 112 7.55 -2.29 14.34
CA ASN A 112 7.35 -2.42 15.79
C ASN A 112 6.25 -3.39 16.11
N LYS A 113 6.56 -4.50 16.77
CA LYS A 113 5.60 -5.59 16.95
C LYS A 113 4.33 -5.10 17.64
N GLU A 114 4.53 -4.17 18.54
CA GLU A 114 3.54 -3.61 19.46
C GLU A 114 2.45 -2.76 18.81
N HIS A 115 2.65 -2.42 17.54
CA HIS A 115 1.72 -1.59 16.84
C HIS A 115 0.83 -2.44 15.96
N LYS A 116 1.00 -3.75 16.08
CA LYS A 116 0.20 -4.71 15.29
C LYS A 116 -1.05 -4.99 16.09
N ASN A 117 -2.20 -4.96 15.43
CA ASN A 117 -3.49 -5.02 16.13
C ASN A 117 -3.58 -4.01 17.28
N LEU A 118 -3.24 -2.76 16.98
CA LEU A 118 -3.33 -1.66 17.93
C LEU A 118 -4.78 -1.50 18.37
N ASP A 119 -4.95 -1.01 19.58
CA ASP A 119 -6.25 -0.50 20.01
C ASP A 119 -6.50 0.88 19.32
N THR A 120 -7.07 0.83 18.11
CA THR A 120 -7.30 2.06 17.33
C THR A 120 -8.32 3.02 17.95
N LYS A 121 -9.40 2.48 18.50
CA LYS A 121 -10.42 3.32 19.13
C LYS A 121 -9.84 4.24 20.25
N LYS A 122 -8.78 3.76 20.92
CA LYS A 122 -7.99 4.44 21.97
C LYS A 122 -6.87 5.34 21.44
N TYR A 123 -6.08 4.80 20.50
CA TYR A 123 -4.76 5.36 20.20
C TYR A 123 -4.66 6.05 18.85
N CYS A 124 -5.76 6.04 18.11
CA CYS A 124 -5.76 6.58 16.78
C CYS A 124 -6.73 7.71 16.64
#